data_3A37
#
_entry.id   3A37
#
_cell.length_a   115.229
_cell.length_b   222.554
_cell.length_c   49.291
_cell.angle_alpha   90.00
_cell.angle_beta   90.00
_cell.angle_gamma   90.00
#
_symmetry.space_group_name_H-M   'P 21 21 2'
#
loop_
_entity.id
_entity.type
_entity.pdbx_description
1 polymer 'ATPase GET3'
2 non-polymer "ADENOSINE-5'-DIPHOSPHATE"
3 non-polymer 'ZINC ION'
#
_entity_poly.entity_id   1
_entity_poly.type   'polypeptide(L)'
_entity_poly.pdbx_seq_one_letter_code
;MDLTVEPNLHSLITSTTHKWIFVGGKGGVGKTTSSCSIAIQMALSQPNKQFLLISTDPAHNLSDAFGEKFGKDARKVTGM
NNLSCMEIDPSAALKDMNDMAVSRANNNGSDGQGDDLGSLLQGGALADLTGSIPGIDEALSFMEVMKHIKRQEQDEGETF
DTVIFDTAPTGHTLRFLQLPNTLSKLLEKFGEITNKLGPMLNSFMGAGNVDISGKLNELKANVETIRQQFTDPDLTTFVC
VCISEFLSLYETERLIQELISYDMDVNSIIVNQLLFAENDQEHNCKRCQARWKMQKKYLDQIDELYEDFHVVKMPLCAGE
IRGLNNLTKFSQFLNKEYNPITDGKVIYELEDKELEHHHHHH
;
_entity_poly.pdbx_strand_id   A,B
#
# COMPACT_ATOMS: atom_id res chain seq x y z
N VAL A 5 26.88 9.57 2.89
CA VAL A 5 26.88 8.18 2.33
C VAL A 5 26.72 8.22 0.80
N GLU A 6 27.44 7.35 0.12
CA GLU A 6 27.39 7.31 -1.33
C GLU A 6 26.14 6.69 -1.97
N PRO A 7 25.58 7.41 -2.95
CA PRO A 7 24.37 7.00 -3.69
C PRO A 7 24.61 5.85 -4.64
N ASN A 8 25.13 4.74 -4.12
CA ASN A 8 25.36 3.59 -4.95
C ASN A 8 25.56 2.32 -4.13
N LEU A 9 25.75 1.21 -4.83
CA LEU A 9 25.97 -0.09 -4.21
C LEU A 9 27.43 -0.53 -4.38
N HIS A 10 28.31 0.43 -4.68
CA HIS A 10 29.70 0.08 -4.90
C HIS A 10 30.29 -0.74 -3.76
N SER A 11 30.29 -0.17 -2.55
CA SER A 11 30.86 -0.87 -1.40
C SER A 11 30.30 -2.28 -1.19
N LEU A 12 29.04 -2.53 -1.60
CA LEU A 12 28.46 -3.87 -1.46
C LEU A 12 28.94 -4.73 -2.64
N ILE A 13 28.77 -4.23 -3.85
CA ILE A 13 29.21 -4.94 -5.06
C ILE A 13 30.67 -5.37 -4.89
N THR A 14 31.43 -4.51 -4.21
CA THR A 14 32.85 -4.70 -3.94
C THR A 14 33.16 -5.56 -2.71
N SER A 15 32.26 -5.57 -1.73
CA SER A 15 32.42 -6.33 -0.49
C SER A 15 32.96 -7.74 -0.65
N THR A 16 33.74 -8.13 0.34
CA THR A 16 34.38 -9.44 0.35
C THR A 16 33.95 -10.16 1.63
N THR A 17 33.06 -9.49 2.37
CA THR A 17 32.57 -9.99 3.64
C THR A 17 31.15 -10.59 3.60
N HIS A 18 30.33 -10.13 2.66
CA HIS A 18 28.96 -10.63 2.53
C HIS A 18 28.80 -11.99 1.81
N LYS A 19 27.86 -12.79 2.31
CA LYS A 19 27.60 -14.11 1.73
C LYS A 19 26.13 -14.31 1.37
N TRP A 20 25.26 -13.48 1.93
CA TRP A 20 23.82 -13.57 1.68
C TRP A 20 23.20 -12.18 1.48
N ILE A 21 22.74 -11.91 0.27
CA ILE A 21 22.13 -10.63 -0.05
C ILE A 21 20.72 -10.84 -0.57
N PHE A 22 19.77 -10.15 0.04
CA PHE A 22 18.36 -10.25 -0.36
C PHE A 22 17.93 -9.03 -1.18
N VAL A 23 17.08 -9.24 -2.18
CA VAL A 23 16.61 -8.14 -3.00
C VAL A 23 15.08 -8.18 -3.12
N GLY A 24 14.39 -7.34 -2.36
CA GLY A 24 12.93 -7.33 -2.41
C GLY A 24 12.30 -6.03 -2.90
N GLY A 25 11.02 -6.07 -3.22
CA GLY A 25 10.34 -4.88 -3.70
C GLY A 25 8.99 -5.22 -4.31
N LYS A 26 7.93 -4.96 -3.55
CA LYS A 26 6.56 -5.24 -3.97
C LYS A 26 6.08 -4.22 -5.01
N GLY A 27 5.17 -4.64 -5.88
CA GLY A 27 4.68 -3.76 -6.93
C GLY A 27 5.60 -4.01 -8.09
N GLY A 28 5.20 -3.64 -9.31
CA GLY A 28 6.10 -3.88 -10.42
C GLY A 28 7.22 -2.84 -10.43
N VAL A 29 8.09 -2.86 -9.43
CA VAL A 29 9.14 -1.86 -9.36
C VAL A 29 10.43 -2.18 -10.09
N GLY A 30 10.89 -3.42 -10.00
CA GLY A 30 12.13 -3.78 -10.67
C GLY A 30 12.96 -4.75 -9.84
N LYS A 31 12.28 -5.43 -8.92
CA LYS A 31 12.89 -6.40 -8.01
C LYS A 31 13.76 -7.35 -8.80
N THR A 32 13.21 -8.03 -9.80
CA THR A 32 14.00 -8.98 -10.58
C THR A 32 15.18 -8.32 -11.28
N THR A 33 14.91 -7.27 -12.05
CA THR A 33 15.98 -6.59 -12.75
C THR A 33 17.13 -6.22 -11.79
N SER A 34 16.78 -5.66 -10.64
CA SER A 34 17.79 -5.27 -9.65
C SER A 34 18.57 -6.48 -9.15
N SER A 35 17.87 -7.60 -8.95
CA SER A 35 18.52 -8.82 -8.51
C SER A 35 19.61 -9.17 -9.51
N CYS A 36 19.20 -9.37 -10.76
CA CYS A 36 20.13 -9.72 -11.81
C CYS A 36 21.29 -8.73 -11.88
N SER A 37 20.97 -7.44 -11.85
CA SER A 37 21.98 -6.39 -11.92
C SER A 37 22.99 -6.48 -10.78
N ILE A 38 22.48 -6.59 -9.55
CA ILE A 38 23.33 -6.72 -8.36
C ILE A 38 24.22 -7.95 -8.54
N ALA A 39 23.59 -9.07 -8.93
CA ALA A 39 24.27 -10.34 -9.19
C ALA A 39 25.38 -10.22 -10.23
N ILE A 40 25.05 -9.67 -11.40
CA ILE A 40 26.03 -9.47 -12.47
C ILE A 40 27.18 -8.57 -12.01
N GLN A 41 26.80 -7.40 -11.53
CA GLN A 41 27.74 -6.40 -11.04
C GLN A 41 28.76 -6.96 -10.04
N MET A 42 28.27 -7.75 -9.08
CA MET A 42 29.12 -8.36 -8.05
C MET A 42 30.07 -9.38 -8.66
N ALA A 43 29.51 -10.25 -9.49
CA ALA A 43 30.26 -11.28 -10.19
C ALA A 43 31.37 -10.64 -11.02
N LEU A 44 31.02 -9.64 -11.84
CA LEU A 44 32.01 -8.99 -12.70
C LEU A 44 33.15 -8.31 -11.94
N SER A 45 32.87 -7.78 -10.75
CA SER A 45 33.91 -7.12 -9.99
C SER A 45 34.70 -8.02 -9.05
N GLN A 46 34.36 -9.31 -9.02
CA GLN A 46 35.10 -10.27 -8.17
C GLN A 46 35.22 -11.59 -8.94
N PRO A 47 35.93 -11.58 -10.08
CA PRO A 47 36.12 -12.77 -10.93
C PRO A 47 36.62 -13.97 -10.14
N ASN A 48 37.38 -13.65 -9.11
CA ASN A 48 37.98 -14.64 -8.22
C ASN A 48 36.92 -15.50 -7.51
N LYS A 49 35.75 -14.95 -7.22
CA LYS A 49 34.71 -15.68 -6.50
C LYS A 49 33.58 -16.21 -7.37
N GLN A 50 32.72 -17.02 -6.77
CA GLN A 50 31.59 -17.62 -7.46
C GLN A 50 30.25 -17.09 -6.94
N PHE A 51 29.32 -16.83 -7.85
CA PHE A 51 28.04 -16.27 -7.45
C PHE A 51 26.79 -17.04 -7.89
N LEU A 52 25.80 -17.05 -6.99
CA LEU A 52 24.55 -17.75 -7.23
C LEU A 52 23.35 -16.83 -7.03
N LEU A 53 22.56 -16.64 -8.09
CA LEU A 53 21.35 -15.81 -8.04
C LEU A 53 20.19 -16.80 -8.07
N ILE A 54 19.51 -16.96 -6.95
CA ILE A 54 18.40 -17.91 -6.88
C ILE A 54 17.06 -17.23 -6.76
N SER A 55 16.05 -17.80 -7.41
CA SER A 55 14.71 -17.26 -7.36
C SER A 55 13.72 -18.30 -6.87
N THR A 56 12.52 -17.84 -6.54
CA THR A 56 11.48 -18.72 -6.03
C THR A 56 10.20 -18.53 -6.85
N ASP A 57 10.11 -17.42 -7.57
CA ASP A 57 8.94 -17.10 -8.40
C ASP A 57 8.65 -18.24 -9.37
N PRO A 58 7.48 -18.89 -9.23
CA PRO A 58 7.12 -19.99 -10.11
C PRO A 58 7.12 -19.52 -11.56
N ALA A 59 6.92 -18.23 -11.75
CA ALA A 59 6.88 -17.62 -13.08
C ALA A 59 8.21 -17.75 -13.86
N HIS A 60 9.25 -18.25 -13.20
CA HIS A 60 10.54 -18.39 -13.86
C HIS A 60 10.96 -17.04 -14.42
N ASN A 61 11.18 -16.06 -13.52
CA ASN A 61 11.53 -14.70 -13.90
C ASN A 61 12.97 -14.53 -14.31
N LEU A 62 13.86 -15.27 -13.66
CA LEU A 62 15.27 -15.19 -13.97
C LEU A 62 15.50 -15.70 -15.39
N SER A 63 14.69 -16.66 -15.80
CA SER A 63 14.82 -17.22 -17.13
C SER A 63 14.39 -16.19 -18.14
N ASP A 64 13.25 -15.60 -17.88
CA ASP A 64 12.67 -14.58 -18.74
C ASP A 64 13.55 -13.32 -18.81
N ALA A 65 14.25 -13.04 -17.71
CA ALA A 65 15.13 -11.88 -17.63
C ALA A 65 16.40 -12.04 -18.46
N PHE A 66 17.06 -13.18 -18.32
CA PHE A 66 18.31 -13.47 -19.03
C PHE A 66 18.15 -14.03 -20.45
N GLY A 67 16.99 -14.61 -20.75
CA GLY A 67 16.75 -15.20 -22.06
C GLY A 67 17.30 -16.62 -22.14
N GLU A 68 17.43 -17.25 -20.99
CA GLU A 68 17.95 -18.62 -20.87
C GLU A 68 16.97 -19.47 -20.09
N LYS A 69 17.25 -20.76 -19.95
CA LYS A 69 16.36 -21.64 -19.22
C LYS A 69 17.06 -22.20 -18.00
N PHE A 70 16.61 -21.79 -16.82
CA PHE A 70 17.18 -22.28 -15.56
C PHE A 70 16.15 -23.14 -14.88
N GLY A 71 16.62 -23.97 -13.95
CA GLY A 71 15.71 -24.85 -13.23
C GLY A 71 16.18 -25.14 -11.83
N LYS A 72 15.92 -26.36 -11.36
CA LYS A 72 16.31 -26.78 -10.01
C LYS A 72 17.82 -26.93 -9.90
N ASP A 73 18.49 -27.05 -11.04
CA ASP A 73 19.93 -27.20 -11.05
C ASP A 73 20.69 -25.98 -11.54
N ALA A 74 21.64 -25.54 -10.72
CA ALA A 74 22.46 -24.39 -11.04
C ALA A 74 23.02 -24.52 -12.45
N ARG A 75 23.10 -23.40 -13.16
CA ARG A 75 23.62 -23.34 -14.52
C ARG A 75 24.23 -21.98 -14.73
N LYS A 76 25.53 -21.93 -15.05
CA LYS A 76 26.18 -20.65 -15.29
C LYS A 76 25.47 -19.86 -16.40
N VAL A 77 25.36 -18.55 -16.19
CA VAL A 77 24.72 -17.67 -17.17
C VAL A 77 25.57 -17.57 -18.42
N THR A 78 25.01 -18.03 -19.53
CA THR A 78 25.71 -18.01 -20.81
C THR A 78 26.39 -16.66 -21.01
N GLY A 79 27.72 -16.66 -21.00
CA GLY A 79 28.44 -15.42 -21.22
C GLY A 79 29.16 -14.88 -20.01
N MET A 80 28.93 -15.54 -18.86
CA MET A 80 29.53 -15.16 -17.59
C MET A 80 30.40 -16.32 -17.13
N ASN A 81 31.38 -16.04 -16.28
CA ASN A 81 32.25 -17.11 -15.80
C ASN A 81 31.90 -17.51 -14.38
N ASN A 82 31.41 -16.57 -13.59
CA ASN A 82 31.11 -16.87 -12.19
C ASN A 82 29.71 -16.53 -11.70
N LEU A 83 28.74 -16.46 -12.62
CA LEU A 83 27.38 -16.19 -12.19
C LEU A 83 26.46 -17.30 -12.65
N SER A 84 25.88 -17.99 -11.68
CA SER A 84 24.96 -19.08 -11.97
C SER A 84 23.60 -18.78 -11.34
N CYS A 85 22.53 -19.13 -12.06
CA CYS A 85 21.16 -18.93 -11.60
C CYS A 85 20.48 -20.24 -11.28
N MET A 86 19.40 -20.16 -10.50
CA MET A 86 18.67 -21.34 -10.08
C MET A 86 17.25 -20.93 -9.74
N GLU A 87 16.26 -21.58 -10.35
CA GLU A 87 14.86 -21.27 -10.09
C GLU A 87 14.18 -22.50 -9.50
N ILE A 88 13.72 -22.35 -8.26
CA ILE A 88 13.10 -23.44 -7.52
C ILE A 88 11.73 -23.07 -6.98
N ASP A 89 10.91 -24.09 -6.71
CA ASP A 89 9.62 -23.89 -6.13
C ASP A 89 9.68 -24.65 -4.81
N PRO A 90 10.08 -23.96 -3.72
CA PRO A 90 10.22 -24.51 -2.37
C PRO A 90 8.94 -25.10 -1.83
N SER A 91 7.84 -24.40 -2.07
CA SER A 91 6.52 -24.82 -1.61
C SER A 91 6.19 -26.20 -2.21
N ALA A 92 6.38 -26.32 -3.52
CA ALA A 92 6.10 -27.57 -4.24
C ALA A 92 6.89 -28.74 -3.65
N ALA A 93 8.21 -28.67 -3.73
CA ALA A 93 9.05 -29.73 -3.20
C ALA A 93 8.86 -29.86 -1.68
N ALA A 127 2.66 -32.51 10.80
CA ALA A 127 3.13 -31.18 10.42
C ALA A 127 1.97 -30.41 9.83
N ASP A 128 1.35 -29.56 10.64
CA ASP A 128 0.21 -28.78 10.22
C ASP A 128 -0.08 -27.62 11.16
N LEU A 129 0.89 -27.30 12.01
CA LEU A 129 0.76 -26.18 12.93
C LEU A 129 0.94 -24.95 12.05
N THR A 130 1.17 -25.21 10.76
CA THR A 130 1.36 -24.18 9.76
C THR A 130 0.29 -23.10 9.83
N GLY A 131 -0.97 -23.54 9.83
CA GLY A 131 -2.07 -22.58 9.90
C GLY A 131 -2.40 -22.13 11.30
N SER A 132 -1.42 -22.20 12.19
CA SER A 132 -1.64 -21.78 13.59
C SER A 132 -0.49 -20.94 14.11
N ILE A 133 0.73 -21.46 14.00
CA ILE A 133 1.92 -20.77 14.48
C ILE A 133 2.69 -20.10 13.33
N PRO A 134 2.82 -18.76 13.37
CA PRO A 134 3.52 -17.96 12.35
C PRO A 134 4.98 -18.31 12.13
N GLY A 135 5.37 -18.39 10.86
CA GLY A 135 6.75 -18.68 10.54
C GLY A 135 7.16 -20.12 10.39
N ILE A 136 6.28 -21.05 10.75
CA ILE A 136 6.63 -22.45 10.65
C ILE A 136 6.73 -22.91 9.20
N ASP A 137 5.81 -22.42 8.36
CA ASP A 137 5.84 -22.83 6.97
C ASP A 137 6.98 -22.13 6.24
N GLU A 138 7.24 -20.88 6.61
CA GLU A 138 8.32 -20.11 6.01
C GLU A 138 9.67 -20.71 6.37
N ALA A 139 9.81 -21.11 7.63
CA ALA A 139 11.06 -21.71 8.12
C ALA A 139 11.34 -22.99 7.35
N LEU A 140 10.30 -23.81 7.16
CA LEU A 140 10.44 -25.06 6.44
C LEU A 140 10.72 -24.82 4.97
N SER A 141 9.92 -23.93 4.39
CA SER A 141 10.06 -23.59 2.99
C SER A 141 11.48 -23.07 2.70
N PHE A 142 12.02 -22.30 3.63
CA PHE A 142 13.36 -21.76 3.48
C PHE A 142 14.42 -22.84 3.57
N MET A 143 14.30 -23.72 4.57
CA MET A 143 15.27 -24.80 4.76
C MET A 143 15.35 -25.63 3.48
N GLU A 144 14.23 -25.75 2.79
CA GLU A 144 14.17 -26.49 1.55
C GLU A 144 15.09 -25.86 0.52
N VAL A 145 15.15 -24.52 0.53
CA VAL A 145 16.01 -23.80 -0.39
C VAL A 145 17.47 -24.04 -0.01
N MET A 146 17.77 -23.93 1.28
CA MET A 146 19.13 -24.16 1.76
C MET A 146 19.65 -25.55 1.43
N LYS A 147 18.75 -26.47 1.06
CA LYS A 147 19.15 -27.82 0.73
C LYS A 147 19.48 -27.96 -0.77
N HIS A 148 18.65 -27.41 -1.64
CA HIS A 148 18.91 -27.48 -3.08
C HIS A 148 20.23 -26.77 -3.38
N ILE A 149 20.61 -25.83 -2.52
CA ILE A 149 21.85 -25.08 -2.69
C ILE A 149 23.05 -25.94 -2.30
N LYS A 150 23.03 -26.43 -1.06
CA LYS A 150 24.12 -27.25 -0.56
C LYS A 150 24.34 -28.47 -1.45
N ARG A 151 23.25 -29.10 -1.90
CA ARG A 151 23.41 -30.28 -2.73
C ARG A 151 23.93 -29.93 -4.12
N GLN A 152 23.63 -28.72 -4.59
CA GLN A 152 24.14 -28.32 -5.89
C GLN A 152 25.61 -28.00 -5.74
N GLU A 153 26.00 -27.61 -4.53
CA GLU A 153 27.39 -27.29 -4.23
C GLU A 153 28.19 -28.57 -4.03
N GLN A 154 27.48 -29.67 -3.78
CA GLN A 154 28.12 -30.96 -3.57
C GLN A 154 28.43 -31.69 -4.88
N ASP A 155 27.49 -31.64 -5.81
CA ASP A 155 27.64 -32.30 -7.10
C ASP A 155 28.67 -31.62 -8.00
N GLU A 156 28.51 -30.33 -8.19
CA GLU A 156 29.42 -29.56 -9.02
C GLU A 156 30.72 -29.27 -8.27
N GLY A 157 30.82 -29.82 -7.06
CA GLY A 157 32.00 -29.65 -6.23
C GLY A 157 32.49 -28.21 -6.07
N GLU A 158 31.71 -27.27 -6.58
CA GLU A 158 32.06 -25.86 -6.51
C GLU A 158 31.08 -25.09 -5.62
N THR A 159 31.57 -24.67 -4.45
CA THR A 159 30.79 -23.91 -3.48
C THR A 159 30.66 -22.44 -3.89
N PHE A 160 29.47 -21.86 -3.71
CA PHE A 160 29.25 -20.47 -4.06
C PHE A 160 29.75 -19.56 -2.94
N ASP A 161 30.47 -18.51 -3.31
CA ASP A 161 31.00 -17.58 -2.33
C ASP A 161 29.90 -16.67 -1.82
N THR A 162 28.97 -16.34 -2.69
CA THR A 162 27.86 -15.47 -2.31
C THR A 162 26.57 -15.80 -3.08
N VAL A 163 25.45 -15.73 -2.36
CA VAL A 163 24.12 -16.02 -2.91
C VAL A 163 23.25 -14.76 -2.86
N ILE A 164 22.75 -14.34 -4.03
CA ILE A 164 21.88 -13.18 -4.11
C ILE A 164 20.46 -13.75 -4.18
N PHE A 165 19.64 -13.41 -3.19
CA PHE A 165 18.26 -13.91 -3.11
C PHE A 165 17.20 -13.05 -3.78
N ASP A 166 16.68 -13.52 -4.92
CA ASP A 166 15.63 -12.78 -5.60
C ASP A 166 14.36 -13.16 -4.86
N THR A 167 14.08 -12.44 -3.78
CA THR A 167 12.89 -12.69 -2.96
C THR A 167 11.68 -12.95 -3.83
N ALA A 168 10.76 -13.79 -3.33
CA ALA A 168 9.54 -14.13 -4.06
C ALA A 168 8.60 -12.94 -3.99
N PRO A 169 7.91 -12.63 -5.11
CA PRO A 169 6.98 -11.49 -5.22
C PRO A 169 5.84 -11.37 -4.20
N THR A 170 5.60 -12.44 -3.44
CA THR A 170 4.51 -12.45 -2.47
C THR A 170 4.86 -12.83 -1.03
N GLY A 171 3.81 -12.95 -0.21
CA GLY A 171 3.91 -13.34 1.18
C GLY A 171 4.97 -12.65 2.00
N HIS A 172 5.53 -13.39 2.96
CA HIS A 172 6.59 -12.87 3.85
C HIS A 172 7.78 -13.83 3.94
N THR A 173 8.34 -14.17 2.78
CA THR A 173 9.49 -15.06 2.62
C THR A 173 10.34 -15.37 3.85
N LEU A 174 10.68 -14.33 4.62
CA LEU A 174 11.54 -14.51 5.78
C LEU A 174 11.03 -14.04 7.14
N ARG A 175 9.80 -14.38 7.47
CA ARG A 175 9.26 -14.01 8.78
C ARG A 175 9.86 -15.00 9.77
N PHE A 176 10.26 -16.16 9.25
CA PHE A 176 10.84 -17.24 10.07
C PHE A 176 11.94 -16.80 11.00
N LEU A 177 12.55 -15.64 10.73
CA LEU A 177 13.61 -15.16 11.59
C LEU A 177 13.08 -14.96 13.00
N GLN A 178 11.76 -14.97 13.14
CA GLN A 178 11.15 -14.78 14.44
C GLN A 178 10.70 -16.10 15.03
N LEU A 179 10.71 -17.16 14.23
CA LEU A 179 10.28 -18.47 14.72
C LEU A 179 10.89 -18.83 16.06
N PRO A 180 12.23 -18.70 16.20
CA PRO A 180 12.88 -19.03 17.46
C PRO A 180 12.24 -18.39 18.70
N ASN A 181 12.09 -17.07 18.70
CA ASN A 181 11.50 -16.39 19.83
C ASN A 181 10.00 -16.71 19.96
N THR A 182 9.38 -17.10 18.85
CA THR A 182 7.97 -17.45 18.81
C THR A 182 7.74 -18.80 19.50
N LEU A 183 8.65 -19.74 19.27
CA LEU A 183 8.55 -21.07 19.86
C LEU A 183 8.94 -21.08 21.34
N SER A 184 9.88 -20.22 21.72
CA SER A 184 10.30 -20.14 23.11
C SER A 184 9.12 -19.68 23.97
N LYS A 185 8.35 -18.72 23.45
CA LYS A 185 7.19 -18.23 24.19
C LYS A 185 6.10 -19.31 24.26
N LEU A 186 5.91 -20.06 23.17
CA LEU A 186 4.89 -21.10 23.15
C LEU A 186 5.25 -22.34 23.96
N LEU A 187 6.54 -22.66 24.06
CA LEU A 187 6.92 -23.84 24.83
C LEU A 187 7.13 -23.45 26.29
N GLU A 188 6.58 -22.29 26.65
CA GLU A 188 6.63 -21.76 28.01
C GLU A 188 5.19 -21.68 28.50
N LYS A 189 4.27 -21.66 27.55
CA LYS A 189 2.85 -21.64 27.87
C LYS A 189 2.53 -23.08 28.31
N PHE A 190 3.10 -24.05 27.59
CA PHE A 190 2.93 -25.47 27.87
C PHE A 190 3.55 -25.80 29.23
N GLY A 191 4.75 -25.27 29.47
CA GLY A 191 5.45 -25.50 30.73
C GLY A 191 4.81 -24.82 31.94
N GLU A 192 3.95 -23.83 31.67
CA GLU A 192 3.23 -23.10 32.72
C GLU A 192 1.95 -23.85 33.11
N ILE A 193 1.36 -24.53 32.13
CA ILE A 193 0.14 -25.31 32.34
C ILE A 193 0.46 -26.75 32.76
N THR A 194 1.40 -27.38 32.05
CA THR A 194 1.81 -28.76 32.34
C THR A 194 2.38 -28.91 33.76
N ASN A 195 2.92 -27.83 34.31
CA ASN A 195 3.49 -27.85 35.66
C ASN A 195 2.45 -27.44 36.70
N LYS A 196 1.38 -26.80 36.25
CA LYS A 196 0.30 -26.36 37.14
C LYS A 196 -0.98 -27.16 36.89
N LEU A 197 -0.89 -28.47 37.07
CA LEU A 197 -2.01 -29.38 36.88
C LEU A 197 -1.74 -30.69 37.62
N GLY A 198 -2.65 -31.66 37.46
CA GLY A 198 -2.48 -32.95 38.12
C GLY A 198 -2.13 -34.08 37.16
N PRO A 199 -1.51 -35.16 37.66
CA PRO A 199 -1.11 -36.32 36.85
C PRO A 199 -2.24 -36.77 35.92
N MET A 200 -3.47 -36.62 36.39
CA MET A 200 -4.67 -36.98 35.64
C MET A 200 -4.80 -36.19 34.34
N LEU A 201 -5.00 -34.89 34.47
CA LEU A 201 -5.16 -34.01 33.32
C LEU A 201 -4.00 -34.14 32.33
N ASN A 202 -2.77 -33.94 32.79
CA ASN A 202 -1.60 -34.04 31.92
C ASN A 202 -1.51 -35.42 31.26
N SER A 203 -1.45 -36.45 32.11
CA SER A 203 -1.36 -37.83 31.61
C SER A 203 -2.70 -38.29 31.03
N PHE A 204 -3.64 -37.36 30.90
CA PHE A 204 -4.95 -37.66 30.32
C PHE A 204 -4.83 -37.51 28.80
N MET A 205 -4.44 -36.32 28.35
CA MET A 205 -4.27 -36.06 26.93
C MET A 205 -3.11 -36.95 26.46
N GLY A 206 -3.41 -37.91 25.57
CA GLY A 206 -2.38 -38.81 25.07
C GLY A 206 -2.27 -38.65 23.56
N ALA A 207 -1.50 -37.65 23.13
CA ALA A 207 -1.33 -37.33 21.71
C ALA A 207 0.01 -37.72 21.11
N GLY A 208 0.00 -37.84 19.77
CA GLY A 208 1.20 -38.17 19.02
C GLY A 208 1.89 -36.86 18.70
N ASN A 209 2.02 -36.03 19.75
CA ASN A 209 2.63 -34.70 19.69
C ASN A 209 4.05 -34.56 20.26
N VAL A 210 4.63 -35.59 20.87
CA VAL A 210 6.00 -35.43 21.38
C VAL A 210 6.95 -35.81 20.26
N ASP A 211 6.39 -36.29 19.14
CA ASP A 211 7.20 -36.59 17.98
C ASP A 211 7.30 -35.16 17.40
N ILE A 212 6.44 -34.29 17.93
CA ILE A 212 6.43 -32.88 17.53
C ILE A 212 7.42 -32.14 18.45
N SER A 213 7.29 -32.35 19.76
CA SER A 213 8.17 -31.75 20.77
C SER A 213 9.64 -31.80 20.34
N GLY A 214 10.03 -32.94 19.76
CA GLY A 214 11.38 -33.15 19.32
C GLY A 214 11.76 -32.45 18.04
N LYS A 215 10.84 -32.36 17.09
CA LYS A 215 11.15 -31.69 15.83
C LYS A 215 10.98 -30.17 15.84
N LEU A 216 10.26 -29.63 16.81
CA LEU A 216 10.11 -28.18 16.89
C LEU A 216 11.39 -27.61 17.49
N ASN A 217 12.02 -28.35 18.39
CA ASN A 217 13.25 -27.88 18.99
C ASN A 217 14.40 -28.09 18.01
N GLU A 218 14.33 -29.15 17.20
CA GLU A 218 15.38 -29.40 16.21
C GLU A 218 15.31 -28.36 15.12
N LEU A 219 14.14 -27.75 14.95
CA LEU A 219 13.99 -26.71 13.95
C LEU A 219 14.42 -25.38 14.59
N LYS A 220 13.93 -25.12 15.80
CA LYS A 220 14.25 -23.92 16.56
C LYS A 220 15.76 -23.75 16.66
N ALA A 221 16.49 -24.81 16.33
CA ALA A 221 17.94 -24.82 16.36
C ALA A 221 18.45 -24.46 14.98
N ASN A 222 17.82 -25.02 13.95
CA ASN A 222 18.21 -24.75 12.57
C ASN A 222 18.06 -23.26 12.28
N VAL A 223 16.89 -22.72 12.64
CA VAL A 223 16.61 -21.31 12.42
C VAL A 223 17.64 -20.41 13.10
N GLU A 224 17.88 -20.66 14.38
CA GLU A 224 18.82 -19.84 15.13
C GLU A 224 20.25 -19.85 14.64
N THR A 225 20.70 -20.96 14.07
CA THR A 225 22.07 -21.00 13.56
C THR A 225 22.10 -20.11 12.32
N ILE A 226 20.98 -20.05 11.61
CA ILE A 226 20.87 -19.22 10.42
C ILE A 226 20.78 -17.78 10.88
N ARG A 227 19.97 -17.53 11.90
CA ARG A 227 19.80 -16.20 12.45
C ARG A 227 21.16 -15.57 12.83
N GLN A 228 22.11 -16.40 13.26
CA GLN A 228 23.42 -15.88 13.63
C GLN A 228 24.14 -15.43 12.38
N GLN A 229 23.66 -15.92 11.24
CA GLN A 229 24.22 -15.62 9.93
C GLN A 229 23.53 -14.36 9.37
N PHE A 230 22.23 -14.49 9.11
CA PHE A 230 21.40 -13.43 8.55
C PHE A 230 21.27 -12.20 9.43
N THR A 231 21.80 -12.27 10.63
CA THR A 231 21.71 -11.14 11.55
C THR A 231 23.01 -10.34 11.64
N ASP A 232 24.05 -10.87 11.00
CA ASP A 232 25.38 -10.24 10.97
C ASP A 232 25.49 -9.27 9.78
N PRO A 233 25.52 -7.96 10.06
CA PRO A 233 25.61 -6.91 9.05
C PRO A 233 26.69 -7.16 7.99
N ASP A 234 27.82 -7.70 8.41
CA ASP A 234 28.92 -7.98 7.50
C ASP A 234 28.71 -9.25 6.68
N LEU A 235 27.74 -10.06 7.09
CA LEU A 235 27.48 -11.32 6.39
C LEU A 235 26.31 -11.32 5.43
N THR A 236 25.20 -10.69 5.83
CA THR A 236 24.02 -10.61 4.97
C THR A 236 23.27 -9.28 5.15
N THR A 237 22.77 -8.75 4.03
CA THR A 237 22.03 -7.49 4.00
C THR A 237 20.86 -7.59 3.02
N PHE A 238 19.85 -6.76 3.22
CA PHE A 238 18.66 -6.73 2.36
C PHE A 238 18.66 -5.42 1.54
N VAL A 239 18.38 -5.55 0.25
CA VAL A 239 18.34 -4.40 -0.65
C VAL A 239 16.91 -4.25 -1.14
N CYS A 240 16.29 -3.12 -0.78
CA CYS A 240 14.93 -2.79 -1.15
C CYS A 240 14.91 -2.15 -2.53
N VAL A 241 13.81 -2.30 -3.23
CA VAL A 241 13.66 -1.73 -4.55
C VAL A 241 12.29 -1.06 -4.51
N CYS A 242 12.20 0.15 -5.07
CA CYS A 242 10.94 0.89 -5.07
C CYS A 242 10.95 1.87 -6.22
N ILE A 243 9.77 2.38 -6.53
CA ILE A 243 9.63 3.37 -7.57
C ILE A 243 9.38 4.68 -6.77
N SER A 244 9.60 5.85 -7.36
CA SER A 244 9.40 7.09 -6.61
C SER A 244 7.96 7.62 -6.59
N GLU A 245 7.08 6.84 -5.97
CA GLU A 245 5.66 7.20 -5.89
C GLU A 245 5.17 6.90 -4.48
N PHE A 246 4.14 7.62 -4.04
CA PHE A 246 3.60 7.46 -2.69
C PHE A 246 3.45 6.03 -2.19
N LEU A 247 2.65 5.25 -2.89
CA LEU A 247 2.38 3.87 -2.50
C LEU A 247 3.64 3.03 -2.36
N SER A 248 4.64 3.28 -3.21
CA SER A 248 5.86 2.48 -3.14
C SER A 248 6.78 2.92 -2.01
N LEU A 249 6.74 4.20 -1.65
CA LEU A 249 7.57 4.73 -0.56
C LEU A 249 6.99 4.26 0.75
N TYR A 250 5.67 4.19 0.78
CA TYR A 250 4.90 3.76 1.93
C TYR A 250 5.12 2.26 2.11
N GLU A 251 5.00 1.53 1.01
CA GLU A 251 5.19 0.11 1.02
C GLU A 251 6.62 -0.25 1.40
N THR A 252 7.59 0.48 0.87
CA THR A 252 8.98 0.17 1.18
C THR A 252 9.35 0.59 2.60
N GLU A 253 8.58 1.51 3.16
CA GLU A 253 8.80 1.98 4.51
C GLU A 253 8.35 0.84 5.43
N ARG A 254 7.21 0.26 5.08
CA ARG A 254 6.65 -0.87 5.81
C ARG A 254 7.65 -2.02 5.80
N LEU A 255 8.31 -2.24 4.66
CA LEU A 255 9.28 -3.32 4.51
C LEU A 255 10.49 -3.12 5.42
N ILE A 256 11.03 -1.91 5.42
CA ILE A 256 12.18 -1.61 6.25
C ILE A 256 11.87 -1.85 7.72
N GLN A 257 10.64 -1.52 8.12
CA GLN A 257 10.24 -1.73 9.50
C GLN A 257 10.26 -3.21 9.80
N GLU A 258 9.58 -3.96 8.93
CA GLU A 258 9.50 -5.39 9.06
C GLU A 258 10.88 -6.02 9.07
N LEU A 259 11.79 -5.51 8.25
CA LEU A 259 13.15 -6.07 8.19
C LEU A 259 13.96 -5.75 9.44
N ILE A 260 13.68 -4.62 10.07
CA ILE A 260 14.38 -4.25 11.29
C ILE A 260 13.92 -5.15 12.42
N SER A 261 12.61 -5.40 12.48
CA SER A 261 12.04 -6.26 13.50
C SER A 261 12.63 -7.67 13.44
N TYR A 262 13.15 -8.04 12.27
CA TYR A 262 13.76 -9.36 12.11
C TYR A 262 15.25 -9.31 12.46
N ASP A 263 15.78 -8.10 12.56
CA ASP A 263 17.19 -7.86 12.84
C ASP A 263 18.05 -8.09 11.62
N MET A 264 17.40 -7.94 10.47
CA MET A 264 18.00 -8.07 9.15
C MET A 264 18.56 -6.69 8.84
N ASP A 265 19.71 -6.63 8.17
CA ASP A 265 20.32 -5.35 7.86
C ASP A 265 19.75 -4.70 6.61
N VAL A 266 19.30 -3.47 6.76
CA VAL A 266 18.74 -2.71 5.66
C VAL A 266 19.47 -1.40 5.58
N ASN A 267 20.22 -1.21 4.51
CA ASN A 267 20.98 0.00 4.35
C ASN A 267 20.98 0.58 2.95
N SER A 268 20.35 -0.12 2.01
CA SER A 268 20.35 0.35 0.65
C SER A 268 18.99 0.20 -0.02
N ILE A 269 18.53 1.24 -0.70
CA ILE A 269 17.27 1.13 -1.40
C ILE A 269 17.46 1.68 -2.80
N ILE A 270 17.01 0.95 -3.80
CA ILE A 270 17.16 1.44 -5.16
C ILE A 270 15.81 1.97 -5.65
N VAL A 271 15.83 3.22 -6.07
CA VAL A 271 14.63 3.91 -6.57
C VAL A 271 14.68 3.81 -8.08
N ASN A 272 13.98 2.82 -8.61
CA ASN A 272 13.97 2.51 -10.03
C ASN A 272 12.94 3.28 -10.88
N GLN A 273 13.11 3.19 -12.20
CA GLN A 273 12.23 3.81 -13.19
C GLN A 273 12.08 5.33 -13.15
N LEU A 274 13.08 5.98 -12.58
CA LEU A 274 13.11 7.44 -12.50
C LEU A 274 13.23 7.90 -13.94
N LEU A 275 12.58 9.01 -14.31
CA LEU A 275 12.74 9.47 -15.68
C LEU A 275 13.18 10.90 -15.56
N PHE A 276 14.48 11.14 -15.63
CA PHE A 276 14.99 12.49 -15.51
C PHE A 276 14.55 13.21 -16.78
N ALA A 277 13.30 13.68 -16.78
CA ALA A 277 12.70 14.35 -17.93
C ALA A 277 13.24 15.75 -18.28
N GLU A 278 13.93 16.40 -17.36
CA GLU A 278 14.48 17.74 -17.61
C GLU A 278 15.71 17.63 -18.52
N ASN A 279 16.57 16.68 -18.18
CA ASN A 279 17.81 16.42 -18.94
C ASN A 279 17.45 15.65 -20.20
N ASP A 280 16.21 15.16 -20.26
CA ASP A 280 15.69 14.35 -21.38
C ASP A 280 15.67 15.04 -22.74
N GLN A 281 16.62 15.94 -22.98
CA GLN A 281 16.73 16.69 -24.24
C GLN A 281 15.35 17.25 -24.58
N GLU A 282 14.51 17.37 -23.54
CA GLU A 282 13.14 17.86 -23.65
C GLU A 282 12.39 17.19 -24.80
N HIS A 283 12.22 15.87 -24.72
CA HIS A 283 11.52 15.12 -25.75
C HIS A 283 10.02 15.48 -25.71
N ASN A 284 9.74 16.75 -25.42
CA ASN A 284 8.40 17.30 -25.33
C ASN A 284 7.58 16.56 -24.27
N CYS A 285 6.35 16.19 -24.63
CA CYS A 285 5.41 15.47 -23.76
C CYS A 285 5.28 16.03 -22.34
N LYS A 286 4.24 16.82 -22.14
CA LYS A 286 4.00 17.43 -20.84
C LYS A 286 3.58 16.36 -19.84
N ARG A 287 2.94 15.31 -20.34
CA ARG A 287 2.46 14.24 -19.48
C ARG A 287 3.60 13.60 -18.73
N CYS A 288 4.78 13.57 -19.34
CA CYS A 288 5.92 12.98 -18.67
C CYS A 288 6.58 14.00 -17.77
N GLN A 289 6.74 15.22 -18.25
CA GLN A 289 7.36 16.27 -17.45
C GLN A 289 6.57 16.33 -16.15
N ALA A 290 5.27 16.12 -16.26
CA ALA A 290 4.41 16.13 -15.09
C ALA A 290 4.78 14.99 -14.13
N ARG A 291 4.95 13.77 -14.67
CA ARG A 291 5.29 12.62 -13.83
C ARG A 291 6.61 12.85 -13.12
N TRP A 292 7.58 13.39 -13.85
CA TRP A 292 8.90 13.67 -13.32
C TRP A 292 8.83 14.61 -12.12
N LYS A 293 8.03 15.67 -12.22
CA LYS A 293 7.93 16.61 -11.11
C LYS A 293 7.54 15.86 -9.84
N MET A 294 6.62 14.93 -9.98
CA MET A 294 6.15 14.13 -8.86
C MET A 294 7.26 13.21 -8.33
N GLN A 295 7.90 12.44 -9.21
CA GLN A 295 8.96 11.55 -8.78
C GLN A 295 9.98 12.35 -7.97
N LYS A 296 10.32 13.52 -8.48
CA LYS A 296 11.26 14.39 -7.81
C LYS A 296 10.73 14.76 -6.42
N LYS A 297 9.44 15.04 -6.32
CA LYS A 297 8.84 15.39 -5.03
C LYS A 297 9.06 14.28 -4.01
N TYR A 298 8.97 13.04 -4.45
CA TYR A 298 9.16 11.92 -3.54
C TYR A 298 10.61 11.54 -3.38
N LEU A 299 11.44 11.80 -4.40
CA LEU A 299 12.86 11.48 -4.28
C LEU A 299 13.40 12.32 -3.12
N ASP A 300 12.86 13.52 -3.00
CA ASP A 300 13.21 14.46 -1.94
C ASP A 300 12.87 13.89 -0.59
N GLN A 301 11.70 13.27 -0.48
CA GLN A 301 11.31 12.67 0.76
C GLN A 301 12.27 11.52 1.03
N ILE A 302 12.38 10.61 0.06
CA ILE A 302 13.26 9.45 0.17
C ILE A 302 14.62 9.92 0.65
N ASP A 303 15.07 11.03 0.08
CA ASP A 303 16.37 11.63 0.38
C ASP A 303 16.48 12.11 1.82
N GLU A 304 15.41 12.72 2.30
CA GLU A 304 15.38 13.27 3.65
C GLU A 304 15.04 12.23 4.71
N LEU A 305 14.30 11.22 4.32
CA LEU A 305 13.89 10.16 5.22
C LEU A 305 14.92 9.05 5.39
N TYR A 306 15.71 8.80 4.36
CA TYR A 306 16.75 7.76 4.38
C TYR A 306 18.14 8.33 4.08
N GLU A 307 18.50 9.43 4.74
CA GLU A 307 19.80 10.06 4.53
C GLU A 307 20.91 9.09 4.87
N ASP A 308 20.69 8.25 5.87
CA ASP A 308 21.69 7.29 6.30
C ASP A 308 21.85 6.09 5.39
N PHE A 309 20.90 5.88 4.49
CA PHE A 309 20.95 4.74 3.59
C PHE A 309 21.65 5.06 2.28
N HIS A 310 21.91 4.01 1.50
CA HIS A 310 22.51 4.14 0.17
C HIS A 310 21.32 4.23 -0.75
N VAL A 311 20.90 5.44 -1.11
CA VAL A 311 19.74 5.64 -1.98
C VAL A 311 20.19 5.76 -3.43
N VAL A 312 20.21 4.65 -4.15
CA VAL A 312 20.63 4.59 -5.55
C VAL A 312 19.55 4.91 -6.57
N LYS A 313 19.77 5.96 -7.37
CA LYS A 313 18.82 6.42 -8.40
C LYS A 313 19.10 5.76 -9.73
N MET A 314 18.12 5.03 -10.27
CA MET A 314 18.25 4.33 -11.55
C MET A 314 17.28 4.90 -12.58
N PRO A 315 17.75 5.13 -13.82
CA PRO A 315 16.99 5.68 -14.96
C PRO A 315 15.92 4.77 -15.55
N LEU A 316 14.92 5.38 -16.17
CA LEU A 316 13.87 4.62 -16.80
C LEU A 316 14.40 4.40 -18.20
N CYS A 317 14.51 3.15 -18.62
CA CYS A 317 15.01 2.84 -19.95
C CYS A 317 13.93 2.85 -21.01
N ALA A 318 14.36 2.69 -22.25
CA ALA A 318 13.47 2.64 -23.39
C ALA A 318 13.10 1.17 -23.60
N GLY A 319 11.99 0.73 -23.01
CA GLY A 319 11.58 -0.65 -23.17
C GLY A 319 11.96 -1.57 -22.03
N GLU A 320 12.01 -2.87 -22.32
CA GLU A 320 12.35 -3.86 -21.31
C GLU A 320 13.87 -4.01 -21.28
N ILE A 321 14.40 -4.42 -20.14
CA ILE A 321 15.84 -4.62 -20.00
C ILE A 321 15.98 -6.11 -19.87
N ARG A 322 16.34 -6.76 -20.97
CA ARG A 322 16.46 -8.22 -21.00
C ARG A 322 17.76 -8.68 -21.66
N GLY A 323 18.26 -9.83 -21.24
CA GLY A 323 19.49 -10.35 -21.80
C GLY A 323 20.72 -9.88 -21.06
N LEU A 324 21.73 -10.72 -20.97
CA LEU A 324 22.96 -10.37 -20.26
C LEU A 324 23.58 -9.05 -20.70
N ASN A 325 23.61 -8.82 -22.01
CA ASN A 325 24.18 -7.60 -22.54
C ASN A 325 23.52 -6.31 -22.05
N ASN A 326 22.20 -6.21 -22.18
CA ASN A 326 21.50 -5.02 -21.72
C ASN A 326 21.45 -4.96 -20.21
N LEU A 327 21.28 -6.10 -19.56
CA LEU A 327 21.27 -6.14 -18.09
C LEU A 327 22.61 -5.62 -17.56
N THR A 328 23.71 -6.00 -18.19
CA THR A 328 25.03 -5.55 -17.75
C THR A 328 25.13 -4.02 -17.90
N LYS A 329 24.78 -3.51 -19.08
CA LYS A 329 24.87 -2.08 -19.35
C LYS A 329 24.08 -1.28 -18.30
N PHE A 330 22.94 -1.81 -17.91
CA PHE A 330 22.10 -1.15 -16.93
C PHE A 330 22.75 -1.28 -15.56
N SER A 331 23.03 -2.51 -15.15
CA SER A 331 23.62 -2.80 -13.84
C SER A 331 24.80 -1.90 -13.47
N GLN A 332 25.48 -1.35 -14.47
CA GLN A 332 26.63 -0.52 -14.19
C GLN A 332 26.35 0.71 -13.34
N PHE A 333 25.12 1.19 -13.37
CA PHE A 333 24.81 2.39 -12.61
C PHE A 333 24.42 2.09 -11.16
N LEU A 334 24.61 0.84 -10.74
CA LEU A 334 24.32 0.52 -9.35
C LEU A 334 25.63 0.77 -8.62
N ASN A 335 26.73 0.71 -9.37
CA ASN A 335 28.05 0.89 -8.82
C ASN A 335 28.50 2.35 -8.84
N LYS A 336 28.41 2.99 -10.00
CA LYS A 336 28.77 4.39 -10.14
C LYS A 336 27.50 5.15 -10.53
N GLU A 337 26.98 5.91 -9.57
CA GLU A 337 25.77 6.70 -9.74
C GLU A 337 25.59 7.26 -11.16
N TYR A 338 24.41 7.00 -11.71
CA TYR A 338 23.98 7.43 -13.04
C TYR A 338 23.99 8.94 -13.15
N ASN A 339 24.34 9.44 -14.34
CA ASN A 339 24.40 10.87 -14.61
C ASN A 339 23.45 11.20 -15.76
N PRO A 340 22.20 11.60 -15.44
CA PRO A 340 21.23 11.90 -16.50
C PRO A 340 21.73 12.81 -17.62
N ILE A 341 22.75 13.63 -17.34
CA ILE A 341 23.30 14.52 -18.34
C ILE A 341 24.24 13.80 -19.28
N THR A 342 25.27 13.16 -18.72
CA THR A 342 26.25 12.48 -19.55
C THR A 342 25.93 11.03 -19.91
N ASP A 343 25.38 10.26 -18.97
CA ASP A 343 25.05 8.86 -19.24
C ASP A 343 23.75 8.67 -20.00
N GLY A 344 23.16 9.76 -20.47
CA GLY A 344 21.91 9.63 -21.20
C GLY A 344 22.13 8.75 -22.42
N LYS A 345 23.20 9.02 -23.16
CA LYS A 345 23.49 8.26 -24.36
C LYS A 345 23.66 6.77 -24.15
N VAL A 346 23.78 6.34 -22.89
CA VAL A 346 23.96 4.92 -22.60
C VAL A 346 22.67 4.13 -22.46
N ILE A 347 21.66 4.72 -21.87
CA ILE A 347 20.39 4.02 -21.70
C ILE A 347 19.44 4.23 -22.86
N TYR A 348 19.89 4.96 -23.87
CA TYR A 348 19.06 5.21 -25.04
C TYR A 348 19.51 4.34 -26.22
N GLU A 349 20.49 3.49 -25.96
CA GLU A 349 21.00 2.55 -26.94
C GLU A 349 20.29 1.25 -26.50
N LEU A 350 19.35 1.43 -25.57
CA LEU A 350 18.51 0.37 -25.02
C LEU A 350 17.07 0.88 -25.15
N LEU B 3 -27.72 -9.02 -16.90
CA LEU B 3 -27.66 -7.55 -17.16
C LEU B 3 -26.40 -6.90 -16.57
N THR B 4 -25.67 -6.19 -17.43
CA THR B 4 -24.44 -5.50 -17.06
C THR B 4 -24.63 -4.36 -16.03
N VAL B 5 -23.66 -4.17 -15.14
CA VAL B 5 -23.73 -3.08 -14.17
C VAL B 5 -23.05 -1.93 -14.89
N GLU B 6 -23.81 -0.87 -15.14
CA GLU B 6 -23.25 0.27 -15.85
C GLU B 6 -21.95 0.76 -15.23
N PRO B 7 -20.99 1.17 -16.07
CA PRO B 7 -19.70 1.67 -15.60
C PRO B 7 -19.77 3.16 -15.30
N ASN B 8 -20.63 3.53 -14.37
CA ASN B 8 -20.78 4.92 -13.98
C ASN B 8 -21.47 5.01 -12.64
N LEU B 9 -21.64 6.25 -12.16
CA LEU B 9 -22.29 6.51 -10.89
C LEU B 9 -23.67 7.17 -11.10
N HIS B 10 -24.22 7.07 -12.31
CA HIS B 10 -25.52 7.65 -12.60
C HIS B 10 -26.56 7.30 -11.55
N SER B 11 -26.83 6.03 -11.35
CA SER B 11 -27.84 5.62 -10.38
C SER B 11 -27.63 6.15 -8.96
N LEU B 12 -26.37 6.42 -8.56
CA LEU B 12 -26.09 6.98 -7.22
C LEU B 12 -26.36 8.48 -7.28
N ILE B 13 -25.70 9.16 -8.22
CA ILE B 13 -25.89 10.59 -8.42
C ILE B 13 -27.36 10.92 -8.58
N THR B 14 -28.11 9.98 -9.12
CA THR B 14 -29.53 10.13 -9.36
C THR B 14 -30.39 9.78 -8.16
N SER B 15 -29.91 8.82 -7.35
CA SER B 15 -30.62 8.34 -6.14
C SER B 15 -31.33 9.38 -5.28
N THR B 16 -32.47 8.98 -4.74
CA THR B 16 -33.23 9.86 -3.85
C THR B 16 -33.41 9.12 -2.54
N THR B 17 -32.63 8.06 -2.38
CA THR B 17 -32.70 7.24 -1.21
C THR B 17 -31.51 7.43 -0.26
N HIS B 18 -30.33 7.69 -0.82
CA HIS B 18 -29.12 7.86 -0.01
C HIS B 18 -29.01 9.18 0.74
N LYS B 19 -28.38 9.11 1.91
CA LYS B 19 -28.19 10.27 2.78
C LYS B 19 -26.75 10.40 3.24
N TRP B 20 -25.99 9.30 3.15
CA TRP B 20 -24.60 9.28 3.59
C TRP B 20 -23.73 8.58 2.56
N ILE B 21 -22.87 9.35 1.89
CA ILE B 21 -21.99 8.82 0.87
C ILE B 21 -20.54 9.09 1.28
N PHE B 22 -19.71 8.05 1.34
CA PHE B 22 -18.32 8.23 1.70
C PHE B 22 -17.39 8.09 0.49
N VAL B 23 -16.30 8.85 0.48
CA VAL B 23 -15.38 8.78 -0.64
C VAL B 23 -13.93 8.61 -0.17
N GLY B 24 -13.37 7.40 -0.31
CA GLY B 24 -12.00 7.19 0.13
C GLY B 24 -11.05 6.69 -0.95
N GLY B 25 -9.75 6.73 -0.66
CA GLY B 25 -8.75 6.28 -1.60
C GLY B 25 -7.37 6.73 -1.20
N LYS B 26 -6.58 5.82 -0.64
CA LYS B 26 -5.23 6.15 -0.18
C LYS B 26 -4.28 6.25 -1.35
N GLY B 27 -3.24 7.05 -1.20
CA GLY B 27 -2.29 7.27 -2.28
C GLY B 27 -2.79 8.51 -2.97
N GLY B 28 -1.95 9.15 -3.79
CA GLY B 28 -2.45 10.35 -4.45
C GLY B 28 -3.30 9.96 -5.65
N VAL B 29 -4.44 9.32 -5.41
CA VAL B 29 -5.25 8.88 -6.52
C VAL B 29 -6.29 9.87 -7.02
N GLY B 30 -6.94 10.62 -6.12
CA GLY B 30 -7.93 11.58 -6.57
C GLY B 30 -9.15 11.57 -5.68
N LYS B 31 -8.92 11.21 -4.41
CA LYS B 31 -9.97 11.13 -3.42
C LYS B 31 -10.74 12.46 -3.34
N THR B 32 -10.01 13.55 -3.14
CA THR B 32 -10.65 14.87 -3.04
C THR B 32 -11.41 15.24 -4.30
N THR B 33 -10.76 15.17 -5.45
CA THR B 33 -11.43 15.51 -6.70
C THR B 33 -12.70 14.72 -6.92
N SER B 34 -12.66 13.43 -6.60
CA SER B 34 -13.82 12.57 -6.78
C SER B 34 -14.94 13.00 -5.83
N SER B 35 -14.57 13.39 -4.60
CA SER B 35 -15.55 13.86 -3.62
C SER B 35 -16.29 15.05 -4.19
N CYS B 36 -15.53 16.06 -4.59
CA CYS B 36 -16.12 17.26 -5.16
C CYS B 36 -17.01 16.92 -6.34
N SER B 37 -16.47 16.12 -7.26
CA SER B 37 -17.19 15.70 -8.46
C SER B 37 -18.53 14.98 -8.16
N ILE B 38 -18.48 13.98 -7.28
CA ILE B 38 -19.69 13.25 -6.86
C ILE B 38 -20.66 14.29 -6.27
N ALA B 39 -20.15 15.11 -5.36
CA ALA B 39 -20.94 16.14 -4.70
C ALA B 39 -21.59 17.11 -5.72
N ILE B 40 -20.79 17.70 -6.61
CA ILE B 40 -21.30 18.61 -7.62
C ILE B 40 -22.36 17.91 -8.48
N GLN B 41 -21.98 16.77 -9.04
CA GLN B 41 -22.86 15.99 -9.90
C GLN B 41 -24.19 15.63 -9.26
N MET B 42 -24.18 15.33 -7.96
CA MET B 42 -25.40 14.98 -7.22
C MET B 42 -26.27 16.21 -7.12
N ALA B 43 -25.67 17.29 -6.65
CA ALA B 43 -26.34 18.57 -6.47
C ALA B 43 -26.93 19.11 -7.77
N LEU B 44 -26.18 18.98 -8.86
CA LEU B 44 -26.65 19.46 -10.17
C LEU B 44 -27.82 18.64 -10.72
N SER B 45 -27.88 17.38 -10.33
CA SER B 45 -28.93 16.47 -10.80
C SER B 45 -30.22 16.50 -9.94
N GLN B 46 -30.11 17.07 -8.75
CA GLN B 46 -31.23 17.19 -7.82
C GLN B 46 -31.34 18.59 -7.20
N PRO B 47 -31.65 19.61 -8.02
CA PRO B 47 -31.78 21.01 -7.56
C PRO B 47 -32.74 21.13 -6.40
N ASN B 48 -33.75 20.28 -6.41
CA ASN B 48 -34.75 20.30 -5.36
C ASN B 48 -34.17 20.01 -3.97
N LYS B 49 -33.05 19.29 -3.88
CA LYS B 49 -32.45 18.97 -2.56
C LYS B 49 -31.21 19.78 -2.18
N GLN B 50 -30.74 19.60 -0.95
CA GLN B 50 -29.57 20.32 -0.47
C GLN B 50 -28.40 19.36 -0.18
N PHE B 51 -27.19 19.77 -0.52
CA PHE B 51 -26.03 18.90 -0.32
C PHE B 51 -24.86 19.47 0.47
N LEU B 52 -24.24 18.62 1.29
CA LEU B 52 -23.08 19.03 2.09
C LEU B 52 -21.90 18.11 1.81
N LEU B 53 -20.77 18.71 1.48
CA LEU B 53 -19.55 17.98 1.22
C LEU B 53 -18.63 18.37 2.38
N ILE B 54 -18.43 17.44 3.33
CA ILE B 54 -17.59 17.68 4.50
C ILE B 54 -16.20 17.10 4.34
N SER B 55 -15.19 17.78 4.88
CA SER B 55 -13.82 17.30 4.85
C SER B 55 -13.29 17.30 6.28
N THR B 56 -12.21 16.58 6.50
CA THR B 56 -11.62 16.49 7.83
C THR B 56 -10.13 16.78 7.71
N ASP B 57 -9.62 16.67 6.49
CA ASP B 57 -8.21 16.92 6.22
C ASP B 57 -7.84 18.33 6.68
N PRO B 58 -6.95 18.40 7.69
CA PRO B 58 -6.54 19.71 8.18
C PRO B 58 -5.96 20.60 7.08
N ALA B 59 -5.42 19.97 6.03
CA ALA B 59 -4.83 20.69 4.91
C ALA B 59 -5.84 21.56 4.16
N HIS B 60 -7.11 21.51 4.56
CA HIS B 60 -8.14 22.30 3.88
C HIS B 60 -8.05 22.04 2.38
N ASN B 61 -8.37 20.81 1.99
CA ASN B 61 -8.29 20.38 0.59
C ASN B 61 -9.47 20.83 -0.24
N LEU B 62 -10.64 20.85 0.38
CA LEU B 62 -11.82 21.29 -0.33
C LEU B 62 -11.67 22.75 -0.72
N SER B 63 -11.02 23.54 0.12
CA SER B 63 -10.83 24.95 -0.17
C SER B 63 -9.88 25.11 -1.32
N ASP B 64 -8.78 24.38 -1.29
CA ASP B 64 -7.80 24.46 -2.36
C ASP B 64 -8.37 23.89 -3.64
N ALA B 65 -9.33 22.97 -3.50
CA ALA B 65 -9.95 22.32 -4.64
C ALA B 65 -10.88 23.25 -5.41
N PHE B 66 -11.74 23.96 -4.67
CA PHE B 66 -12.72 24.87 -5.23
C PHE B 66 -12.21 26.28 -5.48
N GLY B 67 -11.17 26.69 -4.77
CA GLY B 67 -10.63 28.03 -4.92
C GLY B 67 -11.36 29.03 -4.03
N GLU B 68 -11.97 28.53 -2.96
CA GLU B 68 -12.68 29.38 -2.01
C GLU B 68 -12.16 29.05 -0.62
N LYS B 69 -12.72 29.69 0.38
CA LYS B 69 -12.29 29.45 1.74
C LYS B 69 -13.45 28.94 2.58
N PHE B 70 -13.37 27.69 3.01
CA PHE B 70 -14.42 27.11 3.84
C PHE B 70 -13.86 26.82 5.22
N GLY B 71 -14.73 26.69 6.20
CA GLY B 71 -14.25 26.45 7.54
C GLY B 71 -15.20 25.58 8.31
N LYS B 72 -15.34 25.86 9.60
CA LYS B 72 -16.21 25.11 10.50
C LYS B 72 -17.69 25.39 10.24
N ASP B 73 -17.95 26.49 9.52
CA ASP B 73 -19.31 26.91 9.20
C ASP B 73 -19.61 26.64 7.74
N ALA B 74 -20.68 25.88 7.50
CA ALA B 74 -21.10 25.56 6.14
C ALA B 74 -21.19 26.84 5.32
N ARG B 75 -20.89 26.75 4.03
CA ARG B 75 -20.97 27.89 3.13
C ARG B 75 -21.22 27.37 1.72
N LYS B 76 -22.30 27.82 1.08
CA LYS B 76 -22.57 27.36 -0.26
C LYS B 76 -21.42 27.66 -1.21
N VAL B 77 -21.15 26.73 -2.11
CA VAL B 77 -20.08 26.89 -3.09
C VAL B 77 -20.46 28.00 -4.06
N THR B 78 -19.64 29.04 -4.11
CA THR B 78 -19.93 30.14 -5.02
C THR B 78 -20.18 29.64 -6.42
N GLY B 79 -21.42 29.85 -6.89
CA GLY B 79 -21.78 29.42 -8.22
C GLY B 79 -22.74 28.26 -8.24
N MET B 80 -23.04 27.73 -7.06
CA MET B 80 -23.95 26.59 -6.87
C MET B 80 -25.11 27.06 -6.02
N ASN B 81 -26.23 26.36 -6.09
CA ASN B 81 -27.40 26.72 -5.29
C ASN B 81 -27.61 25.75 -4.14
N ASN B 82 -27.25 24.49 -4.36
CA ASN B 82 -27.46 23.47 -3.33
C ASN B 82 -26.23 22.68 -2.86
N LEU B 83 -25.05 23.24 -3.05
CA LEU B 83 -23.84 22.55 -2.61
C LEU B 83 -23.05 23.43 -1.66
N SER B 84 -22.90 22.95 -0.43
CA SER B 84 -22.17 23.68 0.59
C SER B 84 -21.08 22.78 1.15
N CYS B 85 -19.92 23.37 1.43
CA CYS B 85 -18.79 22.63 1.97
C CYS B 85 -18.47 23.07 3.39
N MET B 86 -17.71 22.24 4.08
CA MET B 86 -17.25 22.59 5.41
C MET B 86 -16.07 21.71 5.78
N GLU B 87 -15.03 22.36 6.28
CA GLU B 87 -13.81 21.69 6.67
C GLU B 87 -13.61 21.86 8.16
N ILE B 88 -13.54 20.75 8.88
CA ILE B 88 -13.33 20.80 10.30
C ILE B 88 -12.24 19.83 10.75
N ASP B 89 -11.74 20.06 11.96
CA ASP B 89 -10.71 19.23 12.54
C ASP B 89 -11.36 18.62 13.77
N PRO B 90 -11.97 17.45 13.60
CA PRO B 90 -12.66 16.77 14.71
C PRO B 90 -11.73 16.38 15.85
N SER B 91 -10.50 15.99 15.54
CA SER B 91 -9.55 15.61 16.58
C SER B 91 -9.20 16.83 17.44
N ALA B 92 -9.02 17.99 16.81
CA ALA B 92 -8.70 19.23 17.54
C ALA B 92 -9.85 19.59 18.48
N ALA B 93 -11.04 19.76 17.93
CA ALA B 93 -12.20 20.10 18.72
C ALA B 93 -12.47 19.07 19.80
N LEU B 94 -11.98 17.85 19.60
CA LEU B 94 -12.19 16.79 20.58
C LEU B 94 -11.21 16.99 21.74
N LYS B 95 -10.08 17.61 21.45
CA LYS B 95 -9.10 17.86 22.48
C LYS B 95 -9.54 19.08 23.29
N ASP B 96 -10.03 20.12 22.63
CA ASP B 96 -10.48 21.33 23.32
C ASP B 96 -11.68 21.01 24.20
N MET B 97 -12.49 20.06 23.75
CA MET B 97 -13.64 19.65 24.53
C MET B 97 -13.18 18.81 25.72
N ASN B 98 -12.25 17.88 25.47
CA ASN B 98 -11.73 17.01 26.52
C ASN B 98 -10.90 17.82 27.52
N ASP B 99 -9.93 18.57 27.01
CA ASP B 99 -9.08 19.42 27.84
C ASP B 99 -9.92 20.18 28.86
N MET B 100 -11.03 20.77 28.40
CA MET B 100 -11.90 21.52 29.27
C MET B 100 -12.77 20.67 30.18
N ALA B 101 -12.94 19.39 29.83
CA ALA B 101 -13.74 18.48 30.65
C ALA B 101 -12.88 18.12 31.85
N VAL B 102 -11.57 18.13 31.64
CA VAL B 102 -10.61 17.81 32.69
C VAL B 102 -10.51 19.00 33.64
N SER B 103 -10.74 20.19 33.11
CA SER B 103 -10.69 21.41 33.92
C SER B 103 -11.93 21.41 34.81
N ARG B 104 -13.05 20.94 34.25
CA ARG B 104 -14.30 20.90 34.98
C ARG B 104 -14.43 19.61 35.81
N ALA B 105 -13.36 18.82 35.87
CA ALA B 105 -13.36 17.60 36.66
C ALA B 105 -12.71 17.93 37.99
N ASN B 106 -11.56 18.59 37.90
CA ASN B 106 -10.78 19.02 39.07
C ASN B 106 -11.56 20.01 39.94
N ASN B 107 -12.21 20.97 39.29
CA ASN B 107 -12.99 21.99 39.98
C ASN B 107 -14.49 21.71 39.82
N ASN B 108 -14.86 20.44 39.90
CA ASN B 108 -16.25 19.97 39.74
C ASN B 108 -17.28 20.91 40.38
N SER B 119 -22.42 15.65 23.90
CA SER B 119 -21.33 14.76 24.26
C SER B 119 -21.02 14.83 25.77
N LEU B 120 -22.02 14.52 26.60
CA LEU B 120 -21.85 14.55 28.06
C LEU B 120 -20.89 13.45 28.47
N LEU B 121 -20.69 12.50 27.54
CA LEU B 121 -19.80 11.35 27.73
C LEU B 121 -18.31 11.72 27.69
N GLN B 122 -17.94 12.72 28.49
CA GLN B 122 -16.55 13.17 28.56
C GLN B 122 -16.15 13.45 30.01
N GLY B 123 -17.13 13.52 30.90
CA GLY B 123 -16.85 13.79 32.31
C GLY B 123 -15.59 13.13 32.80
N GLY B 124 -14.53 13.92 32.98
CA GLY B 124 -13.27 13.39 33.46
C GLY B 124 -12.40 12.89 32.32
N ALA B 125 -12.68 11.68 31.85
CA ALA B 125 -11.93 11.10 30.76
C ALA B 125 -12.36 9.68 30.36
N LEU B 126 -13.20 9.62 29.33
CA LEU B 126 -13.68 8.36 28.78
C LEU B 126 -12.71 8.10 27.64
N ALA B 127 -11.89 9.12 27.37
CA ALA B 127 -10.91 9.10 26.31
C ALA B 127 -9.55 8.54 26.69
N ASP B 128 -9.42 7.92 27.86
CA ASP B 128 -8.12 7.37 28.22
C ASP B 128 -7.98 5.95 27.68
N LEU B 129 -9.11 5.28 27.48
CA LEU B 129 -9.11 3.91 26.99
C LEU B 129 -8.78 3.92 25.50
N THR B 130 -8.61 5.12 24.96
CA THR B 130 -8.30 5.30 23.54
C THR B 130 -7.10 4.47 23.09
N GLY B 131 -6.02 4.50 23.86
CA GLY B 131 -4.86 3.73 23.50
C GLY B 131 -4.94 2.31 24.00
N SER B 132 -6.16 1.82 24.19
CA SER B 132 -6.39 0.47 24.68
C SER B 132 -7.47 -0.26 23.89
N ILE B 133 -8.66 0.32 23.84
CA ILE B 133 -9.79 -0.27 23.13
C ILE B 133 -9.96 0.36 21.75
N PRO B 134 -9.84 -0.44 20.68
CA PRO B 134 -9.98 0.06 19.30
C PRO B 134 -11.35 0.66 18.97
N GLY B 135 -11.34 1.77 18.25
CA GLY B 135 -12.58 2.41 17.84
C GLY B 135 -13.18 3.45 18.77
N ILE B 136 -12.63 3.56 19.98
CA ILE B 136 -13.15 4.54 20.93
C ILE B 136 -12.84 5.95 20.49
N ASP B 137 -11.60 6.14 20.03
CA ASP B 137 -11.18 7.46 19.57
C ASP B 137 -11.94 7.86 18.31
N GLU B 138 -12.10 6.91 17.40
CA GLU B 138 -12.79 7.16 16.15
C GLU B 138 -14.28 7.38 16.34
N ALA B 139 -14.87 6.67 17.29
CA ALA B 139 -16.30 6.82 17.56
C ALA B 139 -16.56 8.22 18.10
N LEU B 140 -15.68 8.70 18.97
CA LEU B 140 -15.83 10.03 19.55
C LEU B 140 -15.53 11.10 18.49
N SER B 141 -14.44 10.91 17.75
CA SER B 141 -14.04 11.84 16.69
C SER B 141 -15.18 12.01 15.71
N PHE B 142 -15.85 10.91 15.40
CA PHE B 142 -16.96 10.96 14.45
C PHE B 142 -18.18 11.67 14.98
N MET B 143 -18.56 11.39 16.23
CA MET B 143 -19.72 12.04 16.81
C MET B 143 -19.51 13.56 16.84
N GLU B 144 -18.26 13.97 16.98
CA GLU B 144 -17.91 15.38 17.00
C GLU B 144 -18.32 15.96 15.65
N VAL B 145 -18.12 15.18 14.59
CA VAL B 145 -18.48 15.61 13.26
C VAL B 145 -20.01 15.71 13.15
N MET B 146 -20.72 14.69 13.62
CA MET B 146 -22.18 14.73 13.54
C MET B 146 -22.79 15.88 14.31
N LYS B 147 -22.00 16.50 15.18
CA LYS B 147 -22.46 17.63 15.97
C LYS B 147 -22.38 18.92 15.15
N HIS B 148 -21.20 19.21 14.59
CA HIS B 148 -21.04 20.43 13.81
C HIS B 148 -22.02 20.45 12.66
N ILE B 149 -22.46 19.27 12.23
CA ILE B 149 -23.40 19.18 11.12
C ILE B 149 -24.79 19.54 11.61
N LYS B 150 -25.27 18.86 12.65
CA LYS B 150 -26.60 19.17 13.18
C LYS B 150 -26.69 20.65 13.61
N ARG B 151 -25.62 21.15 14.21
CA ARG B 151 -25.55 22.53 14.67
C ARG B 151 -25.68 23.51 13.51
N GLN B 152 -25.03 23.20 12.40
CA GLN B 152 -25.08 24.05 11.23
C GLN B 152 -26.46 23.96 10.58
N GLU B 153 -27.15 22.85 10.81
CA GLU B 153 -28.49 22.65 10.26
C GLU B 153 -29.51 23.35 11.13
N GLN B 154 -29.12 23.69 12.34
CA GLN B 154 -30.02 24.36 13.28
C GLN B 154 -30.01 25.87 13.10
N ASP B 155 -28.81 26.42 12.89
CA ASP B 155 -28.66 27.86 12.71
C ASP B 155 -29.19 28.36 11.35
N GLU B 156 -28.75 27.75 10.25
CA GLU B 156 -29.21 28.17 8.94
C GLU B 156 -30.60 27.59 8.64
N GLY B 157 -31.18 26.95 9.66
CA GLY B 157 -32.51 26.36 9.56
C GLY B 157 -32.77 25.45 8.38
N GLU B 158 -31.73 25.23 7.56
CA GLU B 158 -31.85 24.38 6.38
C GLU B 158 -31.03 23.09 6.55
N THR B 159 -31.73 21.96 6.67
CA THR B 159 -31.05 20.68 6.83
C THR B 159 -30.65 20.10 5.49
N PHE B 160 -29.53 19.40 5.46
CA PHE B 160 -29.01 18.83 4.23
C PHE B 160 -29.66 17.50 3.96
N ASP B 161 -30.04 17.28 2.71
CA ASP B 161 -30.69 16.04 2.33
C ASP B 161 -29.66 14.93 2.18
N THR B 162 -28.43 15.30 1.83
CA THR B 162 -27.38 14.32 1.63
C THR B 162 -26.00 14.89 1.98
N VAL B 163 -25.18 14.10 2.68
CA VAL B 163 -23.82 14.53 3.03
C VAL B 163 -22.77 13.62 2.38
N ILE B 164 -21.89 14.21 1.58
CA ILE B 164 -20.83 13.45 0.94
C ILE B 164 -19.59 13.60 1.84
N PHE B 165 -19.10 12.48 2.39
CA PHE B 165 -17.94 12.50 3.27
C PHE B 165 -16.58 12.33 2.63
N ASP B 166 -15.83 13.42 2.51
CA ASP B 166 -14.50 13.32 1.96
C ASP B 166 -13.65 12.77 3.07
N THR B 167 -13.57 11.44 3.10
CA THR B 167 -12.79 10.72 4.10
C THR B 167 -11.44 11.38 4.29
N ALA B 168 -10.90 11.30 5.52
CA ALA B 168 -9.61 11.89 5.82
C ALA B 168 -8.53 10.97 5.25
N PRO B 169 -7.45 11.56 4.68
CA PRO B 169 -6.30 10.88 4.05
C PRO B 169 -5.61 9.74 4.81
N THR B 170 -5.76 9.74 6.13
CA THR B 170 -5.11 8.73 6.98
C THR B 170 -5.99 7.92 7.92
N GLY B 171 -5.30 7.16 8.77
CA GLY B 171 -5.92 6.32 9.78
C GLY B 171 -7.02 5.41 9.30
N HIS B 172 -8.00 5.20 10.18
CA HIS B 172 -9.16 4.37 9.88
C HIS B 172 -10.47 5.03 10.32
N THR B 173 -10.67 6.25 9.81
CA THR B 173 -11.85 7.09 10.07
C THR B 173 -13.10 6.41 10.60
N LEU B 174 -13.49 5.28 10.05
CA LEU B 174 -14.72 4.63 10.49
C LEU B 174 -14.64 3.19 11.00
N ARG B 175 -13.63 2.93 11.82
CA ARG B 175 -13.45 1.62 12.43
C ARG B 175 -14.52 1.48 13.51
N PHE B 176 -14.92 2.61 14.08
CA PHE B 176 -15.90 2.62 15.15
C PHE B 176 -17.15 1.83 14.86
N LEU B 177 -17.36 1.46 13.60
CA LEU B 177 -18.54 0.69 13.26
C LEU B 177 -18.49 -0.66 13.98
N GLN B 178 -17.31 -0.97 14.50
CA GLN B 178 -17.06 -2.20 15.24
C GLN B 178 -17.16 -2.00 16.74
N LEU B 179 -17.06 -0.75 17.18
CA LEU B 179 -17.12 -0.42 18.60
C LEU B 179 -18.22 -1.18 19.36
N PRO B 180 -19.46 -1.19 18.84
CA PRO B 180 -20.57 -1.88 19.51
C PRO B 180 -20.23 -3.31 19.88
N ASN B 181 -19.89 -4.11 18.89
CA ASN B 181 -19.55 -5.50 19.12
C ASN B 181 -18.28 -5.68 19.96
N THR B 182 -17.38 -4.70 19.90
CA THR B 182 -16.14 -4.78 20.65
C THR B 182 -16.39 -4.50 22.14
N LEU B 183 -17.36 -3.64 22.44
CA LEU B 183 -17.68 -3.33 23.83
C LEU B 183 -18.51 -4.44 24.47
N SER B 184 -19.40 -5.06 23.71
CA SER B 184 -20.22 -6.13 24.25
C SER B 184 -19.28 -7.25 24.70
N LYS B 185 -18.23 -7.51 23.93
CA LYS B 185 -17.26 -8.55 24.26
C LYS B 185 -16.50 -8.18 25.52
N LEU B 186 -16.11 -6.91 25.64
CA LEU B 186 -15.37 -6.41 26.81
C LEU B 186 -16.26 -6.24 28.04
N LEU B 187 -17.50 -5.85 27.82
CA LEU B 187 -18.46 -5.65 28.91
C LEU B 187 -18.85 -6.95 29.59
N GLU B 188 -18.70 -8.07 28.87
CA GLU B 188 -19.05 -9.35 29.46
C GLU B 188 -17.89 -9.84 30.35
N LYS B 189 -16.66 -9.57 29.92
CA LYS B 189 -15.47 -9.98 30.67
C LYS B 189 -15.38 -9.21 32.01
N PHE B 190 -15.55 -7.89 31.94
CA PHE B 190 -15.51 -7.04 33.13
C PHE B 190 -16.88 -7.04 33.79
N GLY B 191 -17.59 -8.14 33.66
CA GLY B 191 -18.91 -8.27 34.25
C GLY B 191 -19.13 -9.64 34.88
N ASP B 211 -19.77 5.14 36.61
CA ASP B 211 -18.88 6.17 36.10
C ASP B 211 -18.59 5.89 34.63
N ILE B 212 -17.44 5.26 34.37
CA ILE B 212 -17.00 4.87 33.01
C ILE B 212 -18.08 3.98 32.38
N SER B 213 -18.48 2.94 33.12
CA SER B 213 -19.47 2.01 32.62
C SER B 213 -20.76 2.66 32.10
N GLY B 214 -21.11 3.84 32.63
CA GLY B 214 -22.31 4.50 32.17
C GLY B 214 -22.09 5.24 30.86
N LYS B 215 -20.86 5.73 30.66
CA LYS B 215 -20.45 6.47 29.47
C LYS B 215 -20.21 5.50 28.30
N LEU B 216 -19.73 4.30 28.61
CA LEU B 216 -19.45 3.27 27.62
C LEU B 216 -20.73 2.79 26.96
N ASN B 217 -21.75 2.55 27.78
CA ASN B 217 -23.03 2.09 27.27
C ASN B 217 -23.76 3.21 26.54
N GLU B 218 -23.62 4.42 27.05
CA GLU B 218 -24.25 5.59 26.45
C GLU B 218 -23.67 5.81 25.06
N LEU B 219 -22.44 5.34 24.89
CA LEU B 219 -21.72 5.47 23.61
C LEU B 219 -22.14 4.32 22.71
N LYS B 220 -22.04 3.09 23.24
CA LYS B 220 -22.40 1.90 22.49
C LYS B 220 -23.84 1.97 21.98
N ALA B 221 -24.58 2.99 22.41
CA ALA B 221 -25.96 3.17 21.96
C ALA B 221 -25.95 4.17 20.82
N ASN B 222 -25.11 5.19 20.93
CA ASN B 222 -24.98 6.21 19.91
C ASN B 222 -24.47 5.56 18.62
N VAL B 223 -23.38 4.79 18.74
CA VAL B 223 -22.81 4.11 17.59
C VAL B 223 -23.82 3.18 16.91
N GLU B 224 -24.48 2.35 17.69
CA GLU B 224 -25.44 1.43 17.11
C GLU B 224 -26.60 2.08 16.40
N THR B 225 -27.05 3.25 16.84
CA THR B 225 -28.16 3.89 16.15
C THR B 225 -27.63 4.41 14.82
N ILE B 226 -26.32 4.67 14.77
CA ILE B 226 -25.66 5.13 13.56
C ILE B 226 -25.48 3.92 12.62
N ARG B 227 -25.05 2.79 13.16
CA ARG B 227 -24.87 1.59 12.35
C ARG B 227 -26.16 1.24 11.68
N GLN B 228 -27.26 1.56 12.33
CA GLN B 228 -28.59 1.29 11.79
C GLN B 228 -28.74 2.08 10.49
N GLN B 229 -28.01 3.19 10.41
CA GLN B 229 -28.05 4.09 9.25
C GLN B 229 -26.97 3.69 8.24
N PHE B 230 -25.72 3.74 8.66
CA PHE B 230 -24.55 3.41 7.84
C PHE B 230 -24.52 1.98 7.32
N THR B 231 -25.40 1.14 7.83
CA THR B 231 -25.46 -0.25 7.44
C THR B 231 -26.52 -0.52 6.39
N ASP B 232 -27.37 0.47 6.14
CA ASP B 232 -28.45 0.36 5.16
C ASP B 232 -27.96 0.74 3.76
N PRO B 233 -27.88 -0.24 2.85
CA PRO B 233 -27.43 -0.05 1.47
C PRO B 233 -28.13 1.11 0.75
N ASP B 234 -29.41 1.28 1.02
CA ASP B 234 -30.16 2.35 0.38
C ASP B 234 -29.96 3.69 1.05
N LEU B 235 -29.33 3.69 2.22
CA LEU B 235 -29.12 4.94 2.94
C LEU B 235 -27.71 5.47 2.83
N THR B 236 -26.72 4.59 2.94
CA THR B 236 -25.33 5.02 2.85
C THR B 236 -24.47 4.01 2.10
N THR B 237 -23.53 4.53 1.30
CA THR B 237 -22.63 3.69 0.52
C THR B 237 -21.27 4.35 0.52
N PHE B 238 -20.23 3.57 0.28
CA PHE B 238 -18.85 4.08 0.23
C PHE B 238 -18.35 3.91 -1.21
N VAL B 239 -17.64 4.91 -1.73
CA VAL B 239 -17.11 4.78 -3.07
C VAL B 239 -15.59 4.98 -2.99
N CYS B 240 -14.89 3.95 -3.46
CA CYS B 240 -13.43 3.90 -3.46
C CYS B 240 -12.88 4.61 -4.67
N VAL B 241 -11.66 5.09 -4.53
CA VAL B 241 -10.96 5.77 -5.62
C VAL B 241 -9.62 5.05 -5.68
N CYS B 242 -9.13 4.82 -6.89
CA CYS B 242 -7.84 4.15 -7.08
C CYS B 242 -7.29 4.46 -8.47
N ILE B 243 -5.98 4.33 -8.63
CA ILE B 243 -5.39 4.52 -9.94
C ILE B 243 -5.17 3.07 -10.43
N SER B 244 -4.99 2.87 -11.74
CA SER B 244 -4.82 1.51 -12.27
C SER B 244 -3.38 0.97 -12.21
N GLU B 245 -2.87 0.82 -10.99
CA GLU B 245 -1.52 0.30 -10.76
C GLU B 245 -1.61 -0.81 -9.70
N PHE B 246 -0.59 -1.66 -9.63
CA PHE B 246 -0.60 -2.77 -8.69
C PHE B 246 -0.88 -2.41 -7.24
N LEU B 247 -0.05 -1.55 -6.67
CA LEU B 247 -0.22 -1.16 -5.27
C LEU B 247 -1.55 -0.49 -4.97
N SER B 248 -2.14 0.22 -5.93
CA SER B 248 -3.42 0.87 -5.65
C SER B 248 -4.57 -0.14 -5.73
N LEU B 249 -4.42 -1.16 -6.58
CA LEU B 249 -5.44 -2.19 -6.72
C LEU B 249 -5.49 -3.03 -5.46
N TYR B 250 -4.32 -3.35 -4.92
CA TYR B 250 -4.28 -4.16 -3.72
C TYR B 250 -4.67 -3.34 -2.53
N GLU B 251 -4.26 -2.08 -2.52
CA GLU B 251 -4.64 -1.18 -1.45
C GLU B 251 -6.16 -1.08 -1.44
N THR B 252 -6.72 -0.94 -2.64
CA THR B 252 -8.16 -0.82 -2.83
C THR B 252 -8.88 -2.08 -2.39
N GLU B 253 -8.26 -3.24 -2.60
CA GLU B 253 -8.85 -4.52 -2.22
C GLU B 253 -8.91 -4.57 -0.71
N ARG B 254 -7.80 -4.16 -0.10
CA ARG B 254 -7.66 -4.11 1.35
C ARG B 254 -8.82 -3.31 1.93
N LEU B 255 -9.11 -2.17 1.31
CA LEU B 255 -10.16 -1.28 1.75
C LEU B 255 -11.54 -1.92 1.61
N ILE B 256 -11.82 -2.52 0.46
CA ILE B 256 -13.11 -3.14 0.25
C ILE B 256 -13.33 -4.26 1.25
N GLN B 257 -12.27 -4.95 1.65
CA GLN B 257 -12.41 -6.02 2.62
C GLN B 257 -12.80 -5.38 3.94
N GLU B 258 -12.04 -4.36 4.33
CA GLU B 258 -12.27 -3.62 5.56
C GLU B 258 -13.68 -3.05 5.64
N LEU B 259 -14.17 -2.48 4.55
CA LEU B 259 -15.51 -1.91 4.57
C LEU B 259 -16.59 -2.96 4.67
N ILE B 260 -16.30 -4.15 4.17
CA ILE B 260 -17.26 -5.26 4.22
C ILE B 260 -17.37 -5.73 5.67
N SER B 261 -16.21 -5.77 6.32
CA SER B 261 -16.11 -6.19 7.70
C SER B 261 -16.89 -5.24 8.59
N TYR B 262 -17.10 -4.02 8.12
CA TYR B 262 -17.86 -3.05 8.91
C TYR B 262 -19.35 -3.11 8.57
N ASP B 263 -19.69 -3.78 7.48
CA ASP B 263 -21.09 -3.88 7.04
C ASP B 263 -21.49 -2.65 6.22
N MET B 264 -20.50 -1.90 5.78
CA MET B 264 -20.73 -0.73 4.97
C MET B 264 -20.84 -1.19 3.52
N ASP B 265 -21.69 -0.52 2.76
CA ASP B 265 -21.89 -0.88 1.36
C ASP B 265 -20.78 -0.40 0.45
N VAL B 266 -20.23 -1.30 -0.36
CA VAL B 266 -19.21 -0.90 -1.35
C VAL B 266 -19.60 -1.49 -2.69
N ASN B 267 -19.94 -0.62 -3.62
CA ASN B 267 -20.41 -1.06 -4.91
C ASN B 267 -19.83 -0.28 -6.08
N SER B 268 -19.03 0.72 -5.78
CA SER B 268 -18.47 1.56 -6.83
C SER B 268 -17.02 1.89 -6.60
N ILE B 269 -16.21 1.73 -7.63
CA ILE B 269 -14.78 2.03 -7.56
C ILE B 269 -14.50 3.01 -8.69
N ILE B 270 -13.81 4.10 -8.40
CA ILE B 270 -13.44 5.09 -9.40
C ILE B 270 -11.97 4.88 -9.72
N VAL B 271 -11.66 4.48 -10.96
CA VAL B 271 -10.28 4.26 -11.37
C VAL B 271 -9.82 5.51 -12.10
N ASN B 272 -9.23 6.43 -11.36
CA ASN B 272 -8.79 7.72 -11.88
C ASN B 272 -7.40 7.77 -12.54
N GLN B 273 -7.17 8.88 -13.26
CA GLN B 273 -5.92 9.18 -13.97
C GLN B 273 -5.52 8.25 -15.09
N LEU B 274 -6.49 7.57 -15.67
CA LEU B 274 -6.23 6.68 -16.78
C LEU B 274 -5.85 7.56 -17.95
N LEU B 275 -4.90 7.15 -18.76
CA LEU B 275 -4.56 7.99 -19.92
C LEU B 275 -4.74 7.11 -21.13
N PHE B 276 -5.89 7.24 -21.79
CA PHE B 276 -6.16 6.43 -22.96
C PHE B 276 -5.20 6.91 -24.04
N ALA B 277 -3.95 6.46 -23.95
CA ALA B 277 -2.88 6.88 -24.86
C ALA B 277 -3.04 6.40 -26.28
N GLU B 278 -3.87 5.36 -26.47
CA GLU B 278 -4.09 4.83 -27.81
C GLU B 278 -4.84 5.77 -28.75
N ASN B 279 -5.63 6.69 -28.19
CA ASN B 279 -6.42 7.65 -28.99
C ASN B 279 -5.63 8.30 -30.14
N ASP B 280 -4.33 8.05 -30.18
CA ASP B 280 -3.43 8.58 -31.22
C ASP B 280 -3.39 10.11 -31.28
N GLN B 281 -4.13 10.76 -30.37
CA GLN B 281 -4.16 12.22 -30.30
C GLN B 281 -3.03 12.67 -29.39
N GLU B 282 -1.99 13.27 -29.98
CA GLU B 282 -0.80 13.75 -29.26
C GLU B 282 0.05 12.57 -28.81
N HIS B 283 -0.34 11.37 -29.28
CA HIS B 283 0.32 10.09 -28.95
C HIS B 283 1.80 10.07 -29.29
N ASN B 284 2.34 11.24 -29.60
CA ASN B 284 3.74 11.40 -29.95
C ASN B 284 4.67 10.69 -28.96
N CYS B 285 4.17 10.41 -27.76
CA CYS B 285 5.02 9.76 -26.74
C CYS B 285 4.89 8.25 -26.59
N LYS B 286 6.06 7.61 -26.47
CA LYS B 286 6.19 6.18 -26.31
C LYS B 286 6.19 5.87 -24.82
N ARG B 287 6.93 6.67 -24.08
CA ARG B 287 7.04 6.51 -22.63
C ARG B 287 5.66 6.35 -22.03
N CYS B 288 4.73 7.19 -22.48
CA CYS B 288 3.36 7.15 -22.00
C CYS B 288 2.65 5.91 -22.54
N GLN B 289 2.88 5.61 -23.82
CA GLN B 289 2.26 4.45 -24.41
C GLN B 289 2.57 3.27 -23.54
N ALA B 290 3.75 3.30 -22.96
CA ALA B 290 4.19 2.24 -22.07
C ALA B 290 3.31 2.20 -20.84
N ARG B 291 3.13 3.35 -20.19
CA ARG B 291 2.30 3.47 -19.00
C ARG B 291 0.91 2.91 -19.27
N TRP B 292 0.33 3.34 -20.38
CA TRP B 292 -1.01 2.92 -20.77
C TRP B 292 -1.17 1.42 -20.86
N LYS B 293 -0.22 0.75 -21.50
CA LYS B 293 -0.27 -0.69 -21.65
C LYS B 293 -0.44 -1.31 -20.28
N MET B 294 0.28 -0.77 -19.30
CA MET B 294 0.22 -1.23 -17.93
C MET B 294 -1.18 -1.00 -17.33
N GLN B 295 -1.63 0.26 -17.30
CA GLN B 295 -2.93 0.58 -16.74
C GLN B 295 -3.96 -0.39 -17.30
N LYS B 296 -3.92 -0.58 -18.62
CA LYS B 296 -4.83 -1.50 -19.30
C LYS B 296 -4.70 -2.88 -18.68
N LYS B 297 -3.48 -3.29 -18.38
CA LYS B 297 -3.25 -4.60 -17.79
C LYS B 297 -4.05 -4.76 -16.50
N TYR B 298 -4.06 -3.70 -15.70
CA TYR B 298 -4.76 -3.76 -14.43
C TYR B 298 -6.23 -3.41 -14.54
N LEU B 299 -6.60 -2.59 -15.52
CA LEU B 299 -8.02 -2.26 -15.70
C LEU B 299 -8.75 -3.57 -15.95
N ASP B 300 -8.11 -4.48 -16.67
CA ASP B 300 -8.72 -5.78 -17.00
C ASP B 300 -8.84 -6.64 -15.76
N GLN B 301 -7.91 -6.48 -14.83
CA GLN B 301 -8.00 -7.23 -13.58
C GLN B 301 -9.14 -6.61 -12.81
N ILE B 302 -9.10 -5.30 -12.60
CA ILE B 302 -10.17 -4.62 -11.88
C ILE B 302 -11.51 -4.95 -12.50
N ASP B 303 -11.54 -5.13 -13.81
CA ASP B 303 -12.79 -5.46 -14.50
C ASP B 303 -13.20 -6.89 -14.27
N GLU B 304 -12.24 -7.79 -14.13
CA GLU B 304 -12.60 -9.17 -13.89
C GLU B 304 -12.83 -9.49 -12.41
N LEU B 305 -12.16 -8.74 -11.53
CA LEU B 305 -12.28 -8.94 -10.08
C LEU B 305 -13.51 -8.30 -9.49
N TYR B 306 -13.93 -7.16 -10.04
CA TYR B 306 -15.12 -6.43 -9.56
C TYR B 306 -16.21 -6.30 -10.64
N GLU B 307 -16.55 -7.41 -11.27
CA GLU B 307 -17.57 -7.43 -12.30
C GLU B 307 -18.89 -6.86 -11.77
N ASP B 308 -19.21 -7.18 -10.52
CA ASP B 308 -20.45 -6.73 -9.89
C ASP B 308 -20.49 -5.28 -9.46
N PHE B 309 -19.33 -4.66 -9.44
CA PHE B 309 -19.22 -3.26 -9.04
C PHE B 309 -19.43 -2.30 -10.19
N HIS B 310 -19.55 -1.02 -9.84
CA HIS B 310 -19.68 0.03 -10.82
C HIS B 310 -18.24 0.51 -10.92
N VAL B 311 -17.52 0.04 -11.93
CA VAL B 311 -16.14 0.45 -12.10
C VAL B 311 -16.05 1.55 -13.11
N VAL B 312 -16.09 2.79 -12.62
CA VAL B 312 -16.08 3.94 -13.50
C VAL B 312 -14.71 4.45 -13.85
N LYS B 313 -14.42 4.49 -15.16
CA LYS B 313 -13.14 4.94 -15.71
C LYS B 313 -13.09 6.46 -15.99
N MET B 314 -12.13 7.14 -15.36
CA MET B 314 -11.93 8.60 -15.50
C MET B 314 -10.57 8.89 -16.15
N PRO B 315 -10.56 9.80 -17.14
CA PRO B 315 -9.40 10.25 -17.93
C PRO B 315 -8.40 11.08 -17.17
N LEU B 316 -7.15 11.07 -17.62
CA LEU B 316 -6.14 11.87 -16.99
C LEU B 316 -6.19 13.20 -17.71
N CYS B 317 -6.39 14.27 -16.96
CA CYS B 317 -6.45 15.59 -17.56
C CYS B 317 -5.09 16.25 -17.73
N ALA B 318 -5.09 17.42 -18.37
CA ALA B 318 -3.87 18.15 -18.60
C ALA B 318 -3.74 19.10 -17.45
N GLY B 319 -3.00 18.69 -16.43
CA GLY B 319 -2.81 19.56 -15.29
C GLY B 319 -3.72 19.27 -14.11
N GLU B 320 -3.88 20.27 -13.24
CA GLU B 320 -4.72 20.13 -12.07
C GLU B 320 -6.16 20.45 -12.43
N ILE B 321 -7.08 19.83 -11.70
CA ILE B 321 -8.50 20.04 -11.92
C ILE B 321 -8.97 20.84 -10.72
N ARG B 322 -9.05 22.15 -10.87
CA ARG B 322 -9.50 22.99 -9.76
C ARG B 322 -10.53 24.01 -10.19
N GLY B 323 -11.33 24.48 -9.24
CA GLY B 323 -12.37 25.45 -9.53
C GLY B 323 -13.67 24.80 -9.97
N LEU B 324 -14.80 25.37 -9.55
CA LEU B 324 -16.12 24.84 -9.87
C LEU B 324 -16.30 24.50 -11.34
N ASN B 325 -15.80 25.37 -12.22
CA ASN B 325 -15.94 25.18 -13.65
C ASN B 325 -15.28 23.92 -14.21
N ASN B 326 -13.99 23.74 -13.95
CA ASN B 326 -13.31 22.54 -14.44
C ASN B 326 -13.74 21.30 -13.66
N LEU B 327 -13.98 21.47 -12.37
CA LEU B 327 -14.43 20.38 -11.53
C LEU B 327 -15.75 19.86 -12.08
N THR B 328 -16.67 20.74 -12.49
CA THR B 328 -17.92 20.23 -13.03
C THR B 328 -17.74 19.61 -14.43
N LYS B 329 -16.89 20.19 -15.25
CA LYS B 329 -16.67 19.60 -16.57
C LYS B 329 -16.18 18.15 -16.44
N PHE B 330 -15.28 17.92 -15.49
CA PHE B 330 -14.71 16.60 -15.22
C PHE B 330 -15.81 15.70 -14.64
N SER B 331 -16.40 16.15 -13.52
CA SER B 331 -17.44 15.40 -12.82
C SER B 331 -18.48 14.77 -13.74
N GLN B 332 -18.70 15.38 -14.88
CA GLN B 332 -19.66 14.90 -15.88
C GLN B 332 -19.45 13.44 -16.28
N PHE B 333 -18.20 12.98 -16.23
CA PHE B 333 -17.91 11.63 -16.63
C PHE B 333 -18.10 10.60 -15.52
N LEU B 334 -18.73 11.01 -14.43
CA LEU B 334 -19.02 10.08 -13.34
C LEU B 334 -20.44 9.58 -13.63
N ASN B 335 -21.19 10.39 -14.37
CA ASN B 335 -22.57 10.07 -14.71
C ASN B 335 -22.67 9.32 -16.03
N LYS B 336 -22.05 9.86 -17.07
CA LYS B 336 -22.07 9.24 -18.39
C LYS B 336 -20.66 8.79 -18.70
N GLU B 337 -20.40 7.48 -18.67
CA GLU B 337 -19.05 7.01 -18.92
C GLU B 337 -18.35 7.71 -20.08
N TYR B 338 -17.14 8.13 -19.79
CA TYR B 338 -16.26 8.85 -20.71
C TYR B 338 -15.94 8.03 -21.95
N ASN B 339 -15.79 8.72 -23.08
CA ASN B 339 -15.45 8.07 -24.35
C ASN B 339 -14.16 8.69 -24.87
N PRO B 340 -13.02 8.01 -24.65
CA PRO B 340 -11.72 8.53 -25.11
C PRO B 340 -11.66 9.00 -26.57
N ILE B 341 -12.54 8.47 -27.42
CA ILE B 341 -12.56 8.86 -28.83
C ILE B 341 -13.31 10.17 -29.03
N THR B 342 -14.52 10.23 -28.49
CA THR B 342 -15.37 11.39 -28.62
C THR B 342 -15.14 12.52 -27.62
N ASP B 343 -15.07 12.16 -26.35
CA ASP B 343 -14.89 13.13 -25.26
C ASP B 343 -13.49 13.66 -25.10
N GLY B 344 -12.59 13.31 -26.02
CA GLY B 344 -11.22 13.81 -25.93
C GLY B 344 -11.22 15.32 -25.89
N LYS B 345 -11.94 15.92 -26.83
CA LYS B 345 -12.03 17.38 -26.95
C LYS B 345 -12.46 18.07 -25.67
N VAL B 346 -13.08 17.34 -24.75
CA VAL B 346 -13.56 17.95 -23.51
C VAL B 346 -12.53 18.08 -22.39
N ILE B 347 -11.67 17.07 -22.25
CA ILE B 347 -10.66 17.07 -21.21
C ILE B 347 -9.40 17.80 -21.63
N TYR B 348 -9.35 18.26 -22.88
CA TYR B 348 -8.18 18.96 -23.38
C TYR B 348 -8.42 20.47 -23.42
N GLU B 349 -9.56 20.87 -22.86
CA GLU B 349 -9.98 22.28 -22.74
C GLU B 349 -9.77 22.68 -21.28
N LEU B 350 -9.18 21.75 -20.53
CA LEU B 350 -8.88 21.95 -19.12
C LEU B 350 -7.36 21.84 -18.94
#